data_7I1N
#
_entry.id   7I1N
#
_cell.length_a   42.326
_cell.length_b   42.326
_cell.length_c   216.467
_cell.angle_alpha   90.00
_cell.angle_beta   90.00
_cell.angle_gamma   90.00
#
_symmetry.space_group_name_H-M   'P 43 2 2'
#
loop_
_entity.id
_entity.type
_entity.pdbx_description
1 polymer 'Serine protease subunit NS2B'
2 polymer 'Serine protease NS3'
3 non-polymer 'DIMETHYL SULFOXIDE'
4 non-polymer (5P)-8-methyl-5-(2-methyl-1H-imidazol-4-yl)quinoline
5 water water
#
loop_
_entity_poly.entity_id
_entity_poly.type
_entity_poly.pdbx_seq_one_letter_code
_entity_poly.pdbx_strand_id
1 'polypeptide(L)' SMGKSVDMYIERAGDITWEKDAEVTGNSPRLDVALDESGDFSLVEE A
2 'polypeptide(L)'
;MKEVKKGETTDGVYRVMTRRLLGSTQVGVGVMQEGVFHTMWHVTKGAALRSGEGRLDPYWGDVKQDLVSYCGPWKLDAAW
DGLSEVQLLAVPPGERAKNIQTLPGIFKTKDGDIGAVALDYPAGTSGSPILDKCGRVIGLYGNGVVIKNGSYVSAITQGK
REEETPVE
;
B
#
loop_
_chem_comp.id
_chem_comp.type
_chem_comp.name
_chem_comp.formula
A1BXG non-polymer (5P)-8-methyl-5-(2-methyl-1H-imidazol-4-yl)quinoline 'C14 H13 N3'
DMS non-polymer 'DIMETHYL SULFOXIDE' 'C2 H6 O S'
#
# COMPACT_ATOMS: atom_id res chain seq x y z
N ASP A 7 -18.99 11.83 0.81
CA ASP A 7 -18.13 11.38 1.93
C ASP A 7 -17.58 10.00 1.54
N MET A 8 -16.30 9.83 1.77
CA MET A 8 -15.62 8.52 1.76
C MET A 8 -15.77 7.93 3.16
N TYR A 9 -15.84 6.59 3.24
CA TYR A 9 -15.95 5.80 4.49
C TYR A 9 -15.02 4.59 4.40
N ILE A 10 -14.67 4.06 5.57
CA ILE A 10 -13.77 2.89 5.70
C ILE A 10 -14.59 1.69 6.21
N GLU A 11 -14.22 0.49 5.74
CA GLU A 11 -14.71 -0.84 6.24
C GLU A 11 -13.49 -1.75 6.42
N ARG A 12 -13.36 -2.35 7.60
CA ARG A 12 -12.31 -3.34 7.92
C ARG A 12 -12.36 -4.49 6.90
N ALA A 13 -11.18 -4.93 6.44
CA ALA A 13 -10.98 -6.04 5.47
C ALA A 13 -10.05 -7.14 6.01
N GLY A 14 -9.53 -7.07 7.25
CA GLY A 14 -8.65 -8.15 7.75
C GLY A 14 -7.58 -7.68 8.73
N ASP A 15 -6.88 -8.64 9.36
CA ASP A 15 -5.70 -8.43 10.26
C ASP A 15 -4.48 -8.22 9.39
N ILE A 16 -3.45 -7.58 9.96
CA ILE A 16 -2.12 -7.48 9.30
C ILE A 16 -1.22 -8.56 9.90
N THR A 17 -1.06 -9.64 9.13
N THR A 17 -1.06 -9.66 9.18
N THR A 17 -1.06 -9.64 9.13
N THR A 17 -1.06 -9.66 9.18
CA THR A 17 -0.41 -10.93 9.50
CA THR A 17 -0.30 -10.85 9.64
CA THR A 17 -0.41 -10.93 9.50
CA THR A 17 -0.30 -10.85 9.64
C THR A 17 0.42 -11.47 8.32
C THR A 17 0.37 -11.55 8.42
C THR A 17 0.42 -11.47 8.32
C THR A 17 0.37 -11.55 8.42
N TRP A 18 1.66 -11.92 8.61
CA TRP A 18 2.38 -12.79 7.65
C TRP A 18 1.63 -14.13 7.62
N GLU A 19 1.20 -14.61 6.46
CA GLU A 19 0.48 -15.90 6.33
C GLU A 19 1.42 -16.91 5.69
N LYS A 20 1.91 -17.88 6.47
N LYS A 20 1.91 -17.88 6.47
N LYS A 20 1.94 -17.84 6.50
N LYS A 20 1.94 -17.84 6.50
CA LYS A 20 2.83 -18.94 5.98
CA LYS A 20 2.83 -18.94 5.98
CA LYS A 20 2.79 -18.98 6.05
CA LYS A 20 2.79 -18.98 6.05
C LYS A 20 2.10 -19.73 4.89
C LYS A 20 2.10 -19.73 4.89
C LYS A 20 2.00 -19.74 4.98
C LYS A 20 2.00 -19.74 4.98
N ASP A 21 2.83 -20.12 3.83
N ASP A 21 2.83 -20.12 3.83
N ASP A 21 2.66 -20.10 3.89
N ASP A 21 2.66 -20.10 3.89
CA ASP A 21 2.26 -20.80 2.64
CA ASP A 21 2.26 -20.80 2.64
CA ASP A 21 2.02 -20.82 2.76
CA ASP A 21 2.02 -20.82 2.76
C ASP A 21 1.17 -19.91 2.02
C ASP A 21 1.17 -19.91 2.02
C ASP A 21 1.05 -19.87 2.04
C ASP A 21 1.05 -19.87 2.04
N ALA A 22 1.57 -18.74 1.51
N ALA A 22 1.57 -18.74 1.51
N ALA A 22 1.56 -18.75 1.50
N ALA A 22 1.56 -18.75 1.50
CA ALA A 22 0.78 -17.82 0.65
CA ALA A 22 0.78 -17.82 0.65
CA ALA A 22 0.78 -17.82 0.64
CA ALA A 22 0.78 -17.82 0.64
C ALA A 22 1.28 -17.95 -0.80
C ALA A 22 1.28 -17.95 -0.80
C ALA A 22 1.28 -17.95 -0.80
C ALA A 22 1.28 -17.95 -0.80
N GLU A 23 0.45 -17.51 -1.77
CA GLU A 23 0.79 -17.58 -3.22
C GLU A 23 2.04 -16.73 -3.54
N VAL A 24 3.10 -17.34 -4.10
CA VAL A 24 4.41 -16.67 -4.34
C VAL A 24 4.53 -16.41 -5.84
N THR A 25 4.76 -15.15 -6.22
CA THR A 25 4.62 -14.68 -7.62
C THR A 25 5.30 -13.32 -7.73
N GLY A 26 5.31 -12.79 -8.95
CA GLY A 26 6.00 -11.56 -9.37
C GLY A 26 7.53 -11.70 -9.38
N ASN A 27 8.15 -10.91 -10.29
CA ASN A 27 9.62 -10.80 -10.48
C ASN A 27 10.17 -9.64 -9.61
N SER A 28 11.43 -9.22 -9.83
CA SER A 28 12.21 -8.26 -8.99
C SER A 28 13.04 -7.31 -9.86
N PRO A 29 12.43 -6.46 -10.72
CA PRO A 29 13.21 -5.63 -11.65
C PRO A 29 13.98 -4.49 -10.94
N ARG A 30 15.20 -4.21 -11.40
CA ARG A 30 16.00 -2.98 -11.10
C ARG A 30 15.62 -1.90 -12.14
N LEU A 31 14.94 -0.83 -11.72
CA LEU A 31 14.41 0.21 -12.67
C LEU A 31 14.98 1.60 -12.31
N ASP A 32 15.40 2.33 -13.34
CA ASP A 32 15.83 3.74 -13.26
C ASP A 32 14.60 4.63 -13.33
N VAL A 33 14.28 5.34 -12.24
CA VAL A 33 13.05 6.17 -12.12
C VAL A 33 13.39 7.57 -11.61
N ALA A 34 12.55 8.54 -12.00
CA ALA A 34 12.56 9.94 -11.50
C ALA A 34 11.24 10.19 -10.77
N LEU A 35 11.26 10.94 -9.68
CA LEU A 35 10.07 11.33 -8.89
C LEU A 35 9.88 12.85 -9.05
N ASP A 36 8.73 13.26 -9.58
CA ASP A 36 8.39 14.68 -9.87
C ASP A 36 7.77 15.31 -8.60
N GLU A 37 7.59 16.63 -8.63
CA GLU A 37 7.03 17.41 -7.49
C GLU A 37 5.59 16.98 -7.20
N SER A 38 4.85 16.50 -8.21
CA SER A 38 3.45 16.01 -8.10
C SER A 38 3.40 14.59 -7.52
N GLY A 39 4.53 14.00 -7.13
CA GLY A 39 4.60 12.64 -6.54
C GLY A 39 4.42 11.48 -7.56
N ASP A 40 4.54 11.74 -8.87
CA ASP A 40 4.42 10.73 -9.96
C ASP A 40 5.81 10.21 -10.34
N PHE A 41 6.02 8.90 -10.24
CA PHE A 41 7.26 8.22 -10.70
C PHE A 41 7.22 8.09 -12.23
N SER A 42 8.40 8.00 -12.83
CA SER A 42 8.58 7.86 -14.30
C SER A 42 9.89 7.13 -14.59
N LEU A 43 9.96 6.44 -15.74
CA LEU A 43 11.16 5.66 -16.13
C LEU A 43 12.18 6.61 -16.79
N VAL A 44 13.31 6.76 -16.12
CA VAL A 44 14.53 7.41 -16.64
C VAL A 44 15.24 6.37 -17.51
N GLU A 45 15.63 6.73 -18.72
CA GLU A 45 16.28 5.75 -19.63
C GLU A 45 17.43 6.44 -20.39
N GLY B 7 -15.96 5.77 16.39
CA GLY B 7 -15.87 4.81 15.22
C GLY B 7 -15.06 3.56 15.54
N GLU B 8 -14.91 2.64 14.56
CA GLU B 8 -14.05 1.43 14.62
C GLU B 8 -12.57 1.84 14.51
N THR B 9 -11.85 1.71 15.62
N THR B 9 -11.85 1.70 15.63
N THR B 9 -11.85 1.71 15.62
N THR B 9 -11.85 1.70 15.63
CA THR B 9 -10.43 2.14 15.75
CA THR B 9 -10.44 2.14 15.80
CA THR B 9 -10.43 2.14 15.75
CA THR B 9 -10.44 2.14 15.80
C THR B 9 -9.51 0.91 15.75
C THR B 9 -9.51 0.91 15.76
C THR B 9 -9.51 0.91 15.75
C THR B 9 -9.51 0.91 15.76
N THR B 10 -10.06 -0.29 15.60
CA THR B 10 -9.31 -1.57 15.70
C THR B 10 -8.16 -1.59 14.69
N ASP B 11 -6.94 -1.93 15.11
CA ASP B 11 -5.81 -2.17 14.20
C ASP B 11 -6.20 -3.09 13.01
N GLY B 12 -5.51 -3.01 11.86
CA GLY B 12 -5.85 -3.84 10.68
C GLY B 12 -5.90 -3.06 9.39
N VAL B 13 -6.25 -3.76 8.30
CA VAL B 13 -6.32 -3.17 6.93
C VAL B 13 -7.80 -2.88 6.66
N TYR B 14 -8.09 -1.79 5.94
CA TYR B 14 -9.47 -1.30 5.69
C TYR B 14 -9.62 -0.96 4.23
N ARG B 15 -10.84 -1.10 3.72
CA ARG B 15 -11.22 -0.53 2.42
C ARG B 15 -11.63 0.94 2.63
N VAL B 16 -11.30 1.75 1.63
CA VAL B 16 -11.74 3.15 1.46
C VAL B 16 -12.77 3.19 0.32
N MET B 17 -14.01 3.58 0.63
CA MET B 17 -15.16 3.53 -0.30
C MET B 17 -15.71 4.95 -0.56
N THR B 18 -16.33 5.16 -1.72
CA THR B 18 -17.14 6.35 -2.07
C THR B 18 -18.48 5.95 -2.68
N ARG B 19 -19.52 6.78 -2.45
CA ARG B 19 -20.85 6.70 -3.10
C ARG B 19 -21.01 7.82 -4.14
N ARG B 20 -19.94 8.58 -4.41
CA ARG B 20 -19.93 9.78 -5.32
C ARG B 20 -20.04 9.34 -6.79
N LEU B 21 -19.79 8.07 -7.08
CA LEU B 21 -19.98 7.45 -8.43
C LEU B 21 -21.16 6.48 -8.36
N LEU B 22 -21.29 5.65 -9.41
CA LEU B 22 -22.27 4.54 -9.46
C LEU B 22 -22.02 3.60 -8.28
N GLY B 23 -23.09 3.13 -7.64
CA GLY B 23 -23.00 2.19 -6.50
C GLY B 23 -22.05 2.69 -5.40
N SER B 24 -21.50 1.76 -4.62
CA SER B 24 -20.35 1.96 -3.70
C SER B 24 -19.11 1.48 -4.44
N THR B 25 -18.08 2.33 -4.53
CA THR B 25 -16.86 2.12 -5.36
C THR B 25 -15.64 2.16 -4.41
N GLN B 26 -14.76 1.17 -4.51
CA GLN B 26 -13.54 1.15 -3.67
C GLN B 26 -12.45 1.98 -4.38
N VAL B 27 -12.01 3.05 -3.74
CA VAL B 27 -11.04 4.03 -4.32
C VAL B 27 -9.62 3.66 -3.86
N GLY B 28 -9.51 2.98 -2.71
CA GLY B 28 -8.23 2.45 -2.18
C GLY B 28 -8.41 1.71 -0.86
N VAL B 29 -7.31 1.62 -0.10
CA VAL B 29 -7.12 0.79 1.13
C VAL B 29 -6.26 1.58 2.12
N GLY B 30 -6.33 1.27 3.41
CA GLY B 30 -5.34 1.75 4.37
C GLY B 30 -5.19 0.87 5.56
N VAL B 31 -4.34 1.30 6.47
CA VAL B 31 -3.86 0.60 7.69
C VAL B 31 -4.23 1.45 8.90
N MET B 32 -5.00 0.90 9.83
CA MET B 32 -5.21 1.46 11.18
C MET B 32 -4.13 0.89 12.09
N GLN B 33 -3.32 1.75 12.73
CA GLN B 33 -2.34 1.32 13.75
C GLN B 33 -2.25 2.39 14.81
N GLU B 34 -2.31 2.00 16.07
CA GLU B 34 -2.19 2.92 17.23
C GLU B 34 -3.21 4.08 17.12
N GLY B 35 -4.36 3.86 16.48
CA GLY B 35 -5.46 4.85 16.46
C GLY B 35 -5.34 5.79 15.28
N VAL B 36 -4.33 5.57 14.42
CA VAL B 36 -4.02 6.41 13.24
C VAL B 36 -4.39 5.63 11.97
N PHE B 37 -5.07 6.27 11.01
CA PHE B 37 -5.37 5.67 9.69
C PHE B 37 -4.32 6.15 8.70
N HIS B 38 -3.63 5.24 8.01
CA HIS B 38 -2.55 5.52 7.02
C HIS B 38 -3.01 5.12 5.62
N THR B 39 -2.95 6.03 4.65
CA THR B 39 -3.28 5.66 3.26
C THR B 39 -2.40 6.45 2.32
N MET B 40 -2.66 6.31 1.03
CA MET B 40 -1.96 7.09 0.00
C MET B 40 -2.79 8.36 -0.30
N TRP B 41 -2.11 9.46 -0.62
N TRP B 41 -2.11 9.46 -0.61
N TRP B 41 -2.11 9.46 -0.62
N TRP B 41 -2.11 9.46 -0.62
CA TRP B 41 -2.74 10.80 -0.79
CA TRP B 41 -2.76 10.79 -0.79
CA TRP B 41 -2.74 10.80 -0.79
CA TRP B 41 -2.76 10.79 -0.79
C TRP B 41 -3.68 10.77 -2.01
C TRP B 41 -3.69 10.77 -2.01
C TRP B 41 -3.68 10.77 -2.01
C TRP B 41 -3.69 10.76 -2.01
N HIS B 42 -3.29 10.07 -3.08
CA HIS B 42 -4.11 10.00 -4.32
C HIS B 42 -5.44 9.27 -4.07
N VAL B 43 -5.55 8.50 -2.99
CA VAL B 43 -6.81 7.80 -2.65
C VAL B 43 -7.84 8.83 -2.14
N THR B 44 -7.49 9.64 -1.12
CA THR B 44 -8.47 10.53 -0.38
C THR B 44 -8.43 11.98 -0.89
N LYS B 45 -7.33 12.37 -1.54
CA LYS B 45 -6.94 13.76 -1.90
C LYS B 45 -6.92 14.65 -0.64
N GLY B 46 -6.69 14.09 0.55
CA GLY B 46 -6.67 14.83 1.82
C GLY B 46 -8.05 14.98 2.45
N ALA B 47 -9.11 14.48 1.84
CA ALA B 47 -10.49 14.64 2.37
C ALA B 47 -10.64 13.82 3.65
N ALA B 48 -11.57 14.22 4.51
CA ALA B 48 -11.92 13.48 5.75
C ALA B 48 -12.69 12.20 5.38
N LEU B 49 -12.80 11.28 6.34
CA LEU B 49 -13.39 9.92 6.16
C LEU B 49 -14.41 9.64 7.27
N ARG B 50 -15.38 8.78 6.98
CA ARG B 50 -16.35 8.26 7.97
C ARG B 50 -15.94 6.83 8.40
N SER B 51 -16.11 6.51 9.68
CA SER B 51 -16.11 5.13 10.22
C SER B 51 -17.37 4.92 11.09
N GLY B 52 -18.51 4.57 10.48
CA GLY B 52 -19.81 4.52 11.17
C GLY B 52 -20.42 5.91 11.24
N GLU B 53 -20.67 6.43 12.45
CA GLU B 53 -21.00 7.87 12.64
C GLU B 53 -19.77 8.63 13.18
N GLY B 54 -18.61 7.96 13.35
CA GLY B 54 -17.32 8.59 13.68
C GLY B 54 -16.69 9.29 12.47
N ARG B 55 -15.90 10.35 12.70
CA ARG B 55 -15.19 11.15 11.66
C ARG B 55 -13.67 11.00 11.84
N LEU B 56 -12.93 10.83 10.76
CA LEU B 56 -11.46 10.82 10.75
C LEU B 56 -11.01 12.08 10.01
N ASP B 57 -10.22 12.95 10.66
CA ASP B 57 -9.70 14.17 10.00
C ASP B 57 -8.23 13.99 9.66
N PRO B 58 -7.78 14.48 8.48
CA PRO B 58 -6.38 14.41 8.13
C PRO B 58 -5.57 15.12 9.24
N TYR B 59 -4.37 14.61 9.49
CA TYR B 59 -3.45 15.15 10.50
C TYR B 59 -2.16 15.55 9.78
N TRP B 60 -1.75 14.78 8.78
CA TRP B 60 -0.43 14.91 8.14
C TRP B 60 -0.58 14.42 6.71
N GLY B 61 0.14 15.07 5.80
CA GLY B 61 0.18 14.59 4.41
C GLY B 61 1.27 15.27 3.64
N ASP B 62 1.62 14.66 2.53
CA ASP B 62 2.65 15.15 1.59
C ASP B 62 2.39 14.51 0.23
N VAL B 63 1.92 15.27 -0.75
CA VAL B 63 1.64 14.89 -2.17
C VAL B 63 2.92 14.27 -2.78
N LYS B 64 4.12 14.67 -2.35
CA LYS B 64 5.34 14.14 -3.02
C LYS B 64 5.63 12.68 -2.58
N GLN B 65 5.56 12.40 -1.28
CA GLN B 65 5.66 11.06 -0.65
C GLN B 65 4.43 10.21 -1.03
N ASP B 66 3.34 10.87 -1.45
CA ASP B 66 1.97 10.37 -1.75
C ASP B 66 1.44 9.63 -0.54
N LEU B 67 1.58 10.21 0.67
CA LEU B 67 1.09 9.63 1.95
C LEU B 67 0.22 10.60 2.71
N VAL B 68 -0.67 10.07 3.56
CA VAL B 68 -1.55 10.87 4.44
C VAL B 68 -1.92 10.02 5.66
N SER B 69 -1.98 10.63 6.85
CA SER B 69 -2.34 10.03 8.14
C SER B 69 -3.53 10.76 8.70
N TYR B 70 -4.39 10.04 9.42
CA TYR B 70 -5.66 10.55 9.99
C TYR B 70 -5.63 10.31 11.49
N CYS B 71 -6.05 11.31 12.29
CA CYS B 71 -6.23 11.27 13.76
C CYS B 71 -4.87 11.36 14.46
N GLY B 72 -3.77 11.30 13.73
CA GLY B 72 -2.50 11.38 14.45
C GLY B 72 -1.38 11.34 13.44
N PRO B 73 -0.14 11.42 13.97
CA PRO B 73 1.06 11.37 13.15
C PRO B 73 1.32 9.97 12.57
N TRP B 74 2.04 9.89 11.45
CA TRP B 74 2.47 8.64 10.81
C TRP B 74 3.12 7.71 11.87
N LYS B 75 2.64 6.43 11.98
CA LYS B 75 3.03 5.48 13.04
C LYS B 75 4.00 4.38 12.54
N LEU B 76 4.13 4.17 11.24
CA LEU B 76 4.70 2.93 10.63
C LEU B 76 6.16 3.22 10.26
N ASP B 77 7.09 2.59 10.96
CA ASP B 77 8.54 2.94 10.89
C ASP B 77 9.38 1.73 10.48
N ALA B 78 8.79 0.58 10.15
CA ALA B 78 9.55 -0.60 9.69
C ALA B 78 9.97 -0.37 8.23
N ALA B 79 11.07 -1.02 7.83
CA ALA B 79 11.78 -0.86 6.54
C ALA B 79 12.10 -2.24 5.92
N TRP B 80 11.96 -2.43 4.59
CA TRP B 80 12.53 -3.58 3.82
C TRP B 80 14.02 -3.66 4.13
N ASP B 81 14.53 -4.89 4.33
CA ASP B 81 15.93 -5.09 4.78
C ASP B 81 16.84 -5.20 3.55
N GLY B 82 16.27 -5.13 2.34
CA GLY B 82 16.96 -5.16 1.05
C GLY B 82 17.31 -6.58 0.61
N LEU B 83 16.93 -7.58 1.40
CA LEU B 83 17.34 -9.01 1.19
C LEU B 83 16.12 -9.93 1.09
N SER B 84 15.30 -9.97 2.14
CA SER B 84 14.26 -11.01 2.35
C SER B 84 13.03 -10.72 1.48
N GLU B 85 12.19 -11.74 1.28
CA GLU B 85 10.91 -11.60 0.57
C GLU B 85 9.95 -10.81 1.56
N VAL B 86 8.79 -10.49 0.96
CA VAL B 86 7.70 -9.72 1.64
C VAL B 86 6.36 -10.21 1.13
N GLN B 87 5.29 -9.78 1.81
CA GLN B 87 3.89 -10.05 1.38
C GLN B 87 3.15 -8.73 1.17
N LEU B 88 2.67 -8.49 -0.05
CA LEU B 88 1.53 -7.58 -0.31
C LEU B 88 0.26 -8.19 0.30
N LEU B 89 -0.28 -7.60 1.36
CA LEU B 89 -1.63 -7.95 1.82
C LEU B 89 -2.55 -7.17 0.89
N ALA B 90 -2.81 -7.69 -0.31
CA ALA B 90 -3.66 -7.04 -1.34
C ALA B 90 -5.11 -7.07 -0.90
N VAL B 91 -5.86 -5.94 -1.02
CA VAL B 91 -7.31 -5.88 -0.72
C VAL B 91 -8.05 -5.33 -1.93
N PRO B 92 -8.33 -6.16 -2.97
CA PRO B 92 -8.86 -5.65 -4.24
C PRO B 92 -10.35 -5.35 -4.19
N PRO B 93 -10.87 -4.57 -5.15
CA PRO B 93 -12.27 -4.14 -5.09
C PRO B 93 -13.18 -5.36 -5.22
N GLY B 94 -14.01 -5.57 -4.20
CA GLY B 94 -15.06 -6.59 -4.17
C GLY B 94 -14.53 -8.00 -3.90
N GLU B 95 -13.24 -8.19 -3.61
CA GLU B 95 -12.63 -9.52 -3.33
C GLU B 95 -12.01 -9.47 -1.94
N ARG B 96 -11.77 -10.62 -1.33
CA ARG B 96 -11.26 -10.80 0.05
C ARG B 96 -9.78 -10.41 0.09
N ALA B 97 -9.34 -9.93 1.25
CA ALA B 97 -7.92 -9.71 1.57
C ALA B 97 -7.17 -10.99 1.18
N LYS B 98 -6.07 -10.89 0.44
CA LYS B 98 -5.23 -12.04 0.02
C LYS B 98 -3.74 -11.70 0.12
N ASN B 99 -2.95 -12.40 0.96
CA ASN B 99 -1.46 -12.25 1.05
C ASN B 99 -0.79 -12.81 -0.21
N ILE B 100 0.15 -12.08 -0.80
CA ILE B 100 0.88 -12.50 -2.02
C ILE B 100 2.34 -12.27 -1.73
N GLN B 101 3.14 -13.30 -1.78
CA GLN B 101 4.55 -13.20 -1.36
C GLN B 101 5.41 -12.99 -2.59
N THR B 102 6.47 -12.16 -2.42
CA THR B 102 7.34 -11.70 -3.52
C THR B 102 8.67 -11.17 -2.94
N LEU B 103 9.72 -11.21 -3.80
CA LEU B 103 11.02 -10.55 -3.50
C LEU B 103 11.01 -9.22 -4.24
N PRO B 104 11.05 -8.09 -3.50
CA PRO B 104 11.09 -6.78 -4.13
C PRO B 104 12.29 -6.67 -5.09
N GLY B 105 11.98 -5.93 -6.19
CA GLY B 105 12.98 -5.26 -7.03
C GLY B 105 13.33 -3.90 -6.41
N ILE B 106 13.89 -3.01 -7.22
CA ILE B 106 14.52 -1.72 -6.81
C ILE B 106 14.05 -0.60 -7.75
N PHE B 107 13.60 0.52 -7.18
CA PHE B 107 13.56 1.84 -7.85
C PHE B 107 14.90 2.56 -7.57
N LYS B 108 15.74 2.70 -8.59
CA LYS B 108 17.00 3.49 -8.53
C LYS B 108 16.66 4.94 -8.89
N THR B 109 16.77 5.86 -7.92
CA THR B 109 16.51 7.32 -8.09
C THR B 109 17.77 8.11 -7.71
N LYS B 110 17.86 9.34 -8.20
CA LYS B 110 18.98 10.28 -7.92
C LYS B 110 19.12 10.50 -6.39
N ASP B 111 18.03 10.35 -5.62
CA ASP B 111 18.00 10.55 -4.13
C ASP B 111 18.24 9.24 -3.35
N GLY B 112 18.26 8.07 -4.00
CA GLY B 112 18.35 6.80 -3.27
C GLY B 112 17.62 5.67 -3.95
N ASP B 113 17.90 4.43 -3.49
CA ASP B 113 17.22 3.18 -3.89
C ASP B 113 15.97 2.98 -3.02
N ILE B 114 14.89 2.50 -3.65
CA ILE B 114 13.60 2.17 -2.98
C ILE B 114 13.24 0.75 -3.39
N GLY B 115 12.78 -0.07 -2.46
CA GLY B 115 12.09 -1.33 -2.82
C GLY B 115 10.95 -1.03 -3.78
N ALA B 116 10.68 -1.99 -4.68
CA ALA B 116 9.56 -1.98 -5.62
C ALA B 116 8.98 -3.42 -5.66
N VAL B 117 7.65 -3.54 -5.77
N VAL B 117 7.65 -3.53 -5.82
N VAL B 117 7.65 -3.54 -5.77
N VAL B 117 7.65 -3.53 -5.82
CA VAL B 117 6.95 -4.86 -5.89
CA VAL B 117 6.92 -4.83 -5.88
CA VAL B 117 6.95 -4.86 -5.89
CA VAL B 117 6.92 -4.83 -5.88
C VAL B 117 6.25 -4.91 -7.25
C VAL B 117 6.23 -4.92 -7.24
C VAL B 117 6.25 -4.91 -7.25
C VAL B 117 6.23 -4.92 -7.24
N ALA B 118 6.59 -5.93 -8.05
CA ALA B 118 6.02 -6.13 -9.41
C ALA B 118 4.76 -7.02 -9.28
N LEU B 119 3.66 -6.42 -8.83
CA LEU B 119 2.35 -7.12 -8.75
C LEU B 119 1.33 -6.16 -9.31
N ASP B 120 0.49 -6.66 -10.19
CA ASP B 120 -0.51 -5.88 -10.93
C ASP B 120 -1.88 -6.06 -10.27
N TYR B 121 -2.57 -5.00 -9.92
CA TYR B 121 -3.91 -5.03 -9.30
C TYR B 121 -4.68 -3.80 -9.74
N PRO B 122 -6.02 -3.76 -9.60
CA PRO B 122 -6.79 -2.60 -10.01
C PRO B 122 -6.34 -1.41 -9.12
N ALA B 123 -6.46 -0.21 -9.67
CA ALA B 123 -6.09 1.06 -8.97
C ALA B 123 -6.74 1.15 -7.59
N GLY B 124 -7.93 0.56 -7.40
CA GLY B 124 -8.64 0.55 -6.10
C GLY B 124 -7.89 -0.21 -5.01
N THR B 125 -6.80 -0.91 -5.35
CA THR B 125 -5.95 -1.64 -4.38
C THR B 125 -4.90 -0.69 -3.76
N SER B 126 -4.70 0.52 -4.31
CA SER B 126 -3.72 1.52 -3.78
C SER B 126 -3.89 1.64 -2.24
N GLY B 127 -2.82 1.48 -1.48
CA GLY B 127 -2.81 1.66 -0.01
C GLY B 127 -2.69 0.36 0.74
N SER B 128 -2.77 -0.78 0.02
CA SER B 128 -2.61 -2.13 0.60
C SER B 128 -1.23 -2.21 1.24
N PRO B 129 -1.11 -2.69 2.49
CA PRO B 129 0.20 -2.75 3.12
C PRO B 129 1.09 -3.86 2.61
N ILE B 130 2.38 -3.62 2.77
CA ILE B 130 3.49 -4.54 2.47
C ILE B 130 4.11 -4.86 3.82
N LEU B 131 4.35 -6.16 4.10
CA LEU B 131 4.72 -6.69 5.44
C LEU B 131 6.04 -7.43 5.38
N ASP B 132 6.78 -7.42 6.49
CA ASP B 132 7.99 -8.23 6.74
C ASP B 132 7.62 -9.52 7.51
N LYS B 133 8.62 -10.39 7.71
CA LYS B 133 8.42 -11.78 8.22
C LYS B 133 7.80 -11.68 9.62
N CYS B 134 8.00 -10.56 10.33
CA CYS B 134 7.43 -10.36 11.70
C CYS B 134 6.02 -9.74 11.64
N GLY B 135 5.40 -9.62 10.45
CA GLY B 135 4.08 -8.96 10.30
C GLY B 135 4.09 -7.43 10.46
N ARG B 136 5.23 -6.75 10.34
CA ARG B 136 5.30 -5.26 10.48
C ARG B 136 5.09 -4.58 9.13
N VAL B 137 4.39 -3.43 9.07
CA VAL B 137 4.15 -2.75 7.77
C VAL B 137 5.42 -1.95 7.44
N ILE B 138 6.03 -2.26 6.30
CA ILE B 138 7.30 -1.64 5.82
C ILE B 138 6.97 -0.65 4.69
N GLY B 139 5.70 -0.55 4.30
CA GLY B 139 5.31 0.47 3.30
C GLY B 139 3.95 0.20 2.72
N LEU B 140 3.53 1.03 1.78
CA LEU B 140 2.21 0.90 1.13
C LEU B 140 2.41 0.82 -0.37
N TYR B 141 1.49 0.07 -0.99
CA TYR B 141 1.50 -0.34 -2.41
C TYR B 141 0.57 0.59 -3.20
N GLY B 142 0.98 1.00 -4.39
CA GLY B 142 0.04 1.74 -5.26
C GLY B 142 0.56 3.06 -5.82
N ASN B 143 1.82 3.44 -5.54
CA ASN B 143 2.48 4.52 -6.34
C ASN B 143 3.71 3.97 -7.03
N GLY B 144 3.73 4.03 -8.34
CA GLY B 144 4.87 3.47 -9.08
C GLY B 144 4.73 3.77 -10.55
N VAL B 145 5.05 2.78 -11.38
CA VAL B 145 5.42 2.97 -12.80
C VAL B 145 4.91 1.76 -13.61
N VAL B 146 4.73 1.95 -14.92
CA VAL B 146 4.29 0.97 -15.94
C VAL B 146 5.54 0.58 -16.77
N ILE B 147 5.90 -0.71 -16.92
CA ILE B 147 7.25 -1.07 -17.47
C ILE B 147 7.12 -1.49 -18.94
N LYS B 148 8.27 -1.70 -19.58
N LYS B 148 8.27 -1.70 -19.58
N LYS B 148 8.26 -1.72 -19.61
N LYS B 148 8.26 -1.72 -19.61
CA LYS B 148 8.44 -2.22 -20.97
CA LYS B 148 8.44 -2.22 -20.97
CA LYS B 148 8.33 -2.12 -21.04
CA LYS B 148 8.33 -2.12 -21.04
C LYS B 148 7.20 -3.05 -21.36
C LYS B 148 7.20 -3.05 -21.36
C LYS B 148 7.16 -3.06 -21.38
C LYS B 148 7.16 -3.06 -21.38
N ASN B 149 6.87 -4.04 -20.52
CA ASN B 149 5.85 -5.08 -20.75
C ASN B 149 4.41 -4.53 -20.82
N GLY B 150 4.13 -3.39 -20.19
CA GLY B 150 2.76 -2.92 -19.94
C GLY B 150 2.27 -3.21 -18.52
N SER B 151 3.05 -3.96 -17.74
N SER B 151 3.06 -3.96 -17.75
N SER B 151 3.05 -3.96 -17.74
N SER B 151 3.06 -3.96 -17.75
CA SER B 151 2.76 -4.34 -16.33
CA SER B 151 2.83 -4.34 -16.33
CA SER B 151 2.76 -4.34 -16.33
CA SER B 151 2.83 -4.34 -16.33
C SER B 151 3.15 -3.19 -15.39
C SER B 151 3.13 -3.16 -15.40
C SER B 151 3.15 -3.19 -15.39
C SER B 151 3.13 -3.16 -15.40
N TYR B 152 2.59 -3.19 -14.17
CA TYR B 152 2.79 -2.16 -13.13
C TYR B 152 3.78 -2.62 -12.05
N VAL B 153 4.78 -1.78 -11.73
CA VAL B 153 5.70 -1.93 -10.57
C VAL B 153 5.43 -0.77 -9.58
N SER B 154 5.13 -1.05 -8.32
CA SER B 154 4.90 -0.09 -7.22
C SER B 154 6.17 0.09 -6.38
N ALA B 155 6.46 1.30 -5.95
CA ALA B 155 7.39 1.55 -4.83
C ALA B 155 6.74 0.89 -3.58
N ILE B 156 7.62 0.42 -2.70
CA ILE B 156 7.30 0.29 -1.25
C ILE B 156 7.46 1.70 -0.64
N THR B 157 6.35 2.44 -0.59
CA THR B 157 6.24 3.83 -0.04
C THR B 157 6.04 3.75 1.48
N GLN B 158 7.07 4.22 2.23
CA GLN B 158 7.04 4.34 3.71
C GLN B 158 7.18 5.83 4.14
N GLY B 159 6.46 6.21 5.19
CA GLY B 159 6.57 7.55 5.80
C GLY B 159 7.70 7.58 6.81
N LYS B 160 7.95 8.74 7.40
CA LYS B 160 8.87 8.96 8.54
C LYS B 160 8.02 9.09 9.81
N ARG B 161 8.38 8.38 10.88
CA ARG B 161 7.79 8.51 12.25
C ARG B 161 8.64 9.53 13.04
N GLU B 162 8.01 10.43 13.82
CA GLU B 162 8.69 11.54 14.57
C GLU B 162 8.59 11.26 16.07
S DMS C . -3.16 0.73 -10.68
S DMS C . -3.16 0.73 -10.68
O DMS C . -2.26 0.51 -11.88
O DMS C . -2.26 0.51 -11.88
C1 DMS C . -2.90 2.41 -10.17
C1 DMS C . -2.90 2.41 -10.17
C2 DMS C . -2.36 -0.06 -9.30
C2 DMS C . -2.36 -0.06 -9.30
S DMS D . -10.22 18.33 -0.05
O DMS D . -9.01 17.92 0.76
C1 DMS D . -11.63 17.55 0.70
C2 DMS D . -10.19 17.38 -1.55
S DMS E . -0.18 4.76 -10.13
S DMS E . -0.18 4.76 -10.13
O DMS E . 1.31 4.63 -10.05
O DMS E . 1.31 4.63 -10.05
C1 DMS E . -0.61 6.19 -9.16
C1 DMS E . -0.61 6.19 -9.16
C2 DMS E . -0.52 5.47 -11.73
C2 DMS E . -0.52 5.47 -11.73
N1 A1BXG F . -3.78 5.48 -10.63
N1 A1BXG F . -3.78 5.48 -10.63
N3 A1BXG F . -2.50 0.18 -11.69
N3 A1BXG F . -2.50 0.18 -11.69
C4 A1BXG F . -1.94 5.81 -9.41
C4 A1BXG F . -1.94 5.81 -9.41
C5 A1BXG F . -2.65 3.38 -9.78
C5 A1BXG F . -2.65 3.38 -9.78
C6 A1BXG F . -2.53 2.87 -8.51
C6 A1BXG F . -2.53 2.87 -8.51
C7 A1BXG F . -2.41 1.49 -8.28
C7 A1BXG F . -2.41 1.49 -8.28
C8 A1BXG F . -2.40 0.59 -9.32
C8 A1BXG F . -2.40 0.59 -9.32
C10 A1BXG F . -2.60 0.64 -12.92
C10 A1BXG F . -2.60 0.64 -12.92
C13 A1BXG F . -2.64 2.48 -10.90
C13 A1BXG F . -2.64 2.48 -10.90
C1 A1BXG F . -4.38 7.86 -11.15
C1 A1BXG F . -4.38 7.86 -11.15
C2 A1BXG F . -3.54 6.78 -10.54
C2 A1BXG F . -3.54 6.78 -10.54
C3 A1BXG F . -2.76 4.85 -9.93
C3 A1BXG F . -2.76 4.85 -9.93
N2 A1BXG F . -2.44 7.02 -9.80
N2 A1BXG F . -2.44 7.02 -9.80
C9 A1BXG F . -2.51 1.08 -10.66
C9 A1BXG F . -2.51 1.08 -10.66
C11 A1BXG F . -2.73 2.00 -13.25
C11 A1BXG F . -2.73 2.00 -13.25
C12 A1BXG F . -2.74 2.92 -12.25
C12 A1BXG F . -2.74 2.92 -12.25
C14 A1BXG F . -2.26 -0.88 -9.04
C14 A1BXG F . -2.26 -0.88 -9.04
S DMS G . 9.14 17.71 7.14
S DMS G . 9.14 17.71 7.14
O DMS G . 8.68 19.05 7.67
O DMS G . 8.68 19.05 7.67
C1 DMS G . 7.75 17.01 6.27
C1 DMS G . 7.75 17.01 6.27
C2 DMS G . 9.11 16.58 8.52
C2 DMS G . 9.11 16.58 8.52
#